data_1OL5
#
_entry.id   1OL5
#
_cell.length_a   59.630
_cell.length_b   81.720
_cell.length_c   83.050
_cell.angle_alpha   90.00
_cell.angle_beta   90.00
_cell.angle_gamma   90.00
#
_symmetry.space_group_name_H-M   'P 21 21 21'
#
loop_
_entity.id
_entity.type
_entity.pdbx_description
1 polymer 'SERINE/THREONINE KINASE 6'
2 polymer 'RESTRICTED EXPRESSION PROLIFERATION ASSOCIATED PROTEIN 100'
3 non-polymer "ADENOSINE-5'-DIPHOSPHATE"
4 non-polymer 'MAGNESIUM ION'
5 non-polymer 'SULFATE ION'
6 water water
#
loop_
_entity_poly.entity_id
_entity_poly.type
_entity_poly.pdbx_seq_one_letter_code
_entity_poly.pdbx_strand_id
1 'polypeptide(L)'
;ESKKRQWALEDFEIGRPLGKGKFGNVYLAREKQSKFILALKVLFKAQLEKAGVEHQLRREVEIQSHLRHPNILRLYGYFH
DATRVYLILEYAPLGTVYRELQKLSKFDEQRTATYITELANALSYCHSKRVIHRDIKPENLLLGSAGELKIADFGWSVHA
PSSRR(TPO)(TPO)LCGTLDYLPPEMIEGRMHDEKVDLWSLGVLCYEFLVGKPPFEANTYQETYKRISRVEFTFPDFVT
EGARDLISRLLKHNPSQRPMLREVLEHPWITANSSKPSNCQNKESASKQS
;
A
2 'polypeptide(L)' MAQVKSSYSYDAPSDFINFSSLDDEGDTQNIDSWFEEKANLEN B
#
# COMPACT_ATOMS: atom_id res chain seq x y z
N SER A 2 -26.30 13.96 -5.72
CA SER A 2 -26.46 13.15 -6.96
C SER A 2 -27.85 12.67 -7.29
N LYS A 3 -28.22 12.87 -8.55
CA LYS A 3 -29.51 12.38 -9.03
C LYS A 3 -29.29 11.00 -9.67
N LYS A 4 -28.07 10.48 -9.61
CA LYS A 4 -27.76 9.17 -10.19
C LYS A 4 -27.88 7.98 -9.24
N ARG A 5 -28.11 6.83 -9.84
CA ARG A 5 -28.21 5.60 -9.08
C ARG A 5 -26.87 5.40 -8.33
N GLN A 6 -26.97 5.21 -7.02
CA GLN A 6 -25.82 5.00 -6.16
C GLN A 6 -25.68 3.51 -5.84
N TRP A 7 -24.49 3.12 -5.41
CA TRP A 7 -24.24 1.73 -5.07
C TRP A 7 -25.13 1.34 -3.89
N ALA A 8 -25.38 0.04 -3.75
CA ALA A 8 -26.16 -0.52 -2.68
C ALA A 8 -25.69 -1.98 -2.54
N LEU A 9 -25.79 -2.53 -1.34
CA LEU A 9 -25.38 -3.90 -1.09
C LEU A 9 -26.12 -4.87 -2.00
N GLU A 10 -27.41 -4.64 -2.20
CA GLU A 10 -28.24 -5.48 -3.06
C GLU A 10 -27.67 -5.62 -4.50
N ASP A 11 -26.66 -4.81 -4.85
CA ASP A 11 -26.07 -4.87 -6.19
C ASP A 11 -25.06 -5.99 -6.36
N PHE A 12 -24.55 -6.55 -5.26
CA PHE A 12 -23.55 -7.60 -5.37
C PHE A 12 -23.93 -8.95 -4.76
N GLU A 13 -23.51 -10.02 -5.41
CA GLU A 13 -23.72 -11.34 -4.86
C GLU A 13 -22.39 -11.47 -4.14
N ILE A 14 -22.42 -11.81 -2.85
CA ILE A 14 -21.23 -11.93 -2.03
C ILE A 14 -20.75 -13.37 -2.04
N GLY A 15 -19.45 -13.56 -2.23
CA GLY A 15 -18.88 -14.90 -2.22
C GLY A 15 -18.15 -15.20 -0.93
N ARG A 16 -17.02 -15.90 -1.03
CA ARG A 16 -16.24 -16.25 0.15
C ARG A 16 -15.39 -15.08 0.61
N PRO A 17 -14.89 -15.14 1.84
CA PRO A 17 -14.03 -14.10 2.42
C PRO A 17 -12.65 -14.26 1.75
N LEU A 18 -12.02 -13.15 1.36
CA LEU A 18 -10.70 -13.22 0.72
C LEU A 18 -9.63 -12.93 1.77
N GLY A 19 -10.03 -12.24 2.83
CA GLY A 19 -9.09 -11.90 3.87
C GLY A 19 -9.78 -11.30 5.06
N LYS A 20 -9.03 -11.21 6.16
CA LYS A 20 -9.54 -10.67 7.41
C LYS A 20 -8.86 -9.33 7.71
N GLY A 21 -9.64 -8.25 7.63
CA GLY A 21 -9.09 -6.95 7.91
C GLY A 21 -9.35 -6.60 9.35
N LYS A 22 -8.69 -5.57 9.85
CA LYS A 22 -8.86 -5.15 11.23
C LYS A 22 -10.30 -4.71 11.53
N PHE A 23 -10.97 -3.99 10.61
CA PHE A 23 -12.34 -3.52 10.88
C PHE A 23 -13.43 -4.29 10.11
N GLY A 24 -13.05 -5.46 9.60
CA GLY A 24 -14.00 -6.29 8.87
C GLY A 24 -13.32 -7.10 7.80
N ASN A 25 -14.07 -8.02 7.21
CA ASN A 25 -13.51 -8.86 6.16
C ASN A 25 -13.58 -8.26 4.77
N VAL A 26 -12.82 -8.86 3.86
CA VAL A 26 -12.85 -8.47 2.46
C VAL A 26 -13.41 -9.76 1.84
N TYR A 27 -14.50 -9.63 1.10
CA TYR A 27 -15.18 -10.76 0.46
C TYR A 27 -15.09 -10.70 -1.05
N LEU A 28 -15.10 -11.85 -1.70
CA LEU A 28 -15.09 -11.83 -3.14
C LEU A 28 -16.53 -11.37 -3.44
N ALA A 29 -16.81 -10.84 -4.64
CA ALA A 29 -18.15 -10.38 -4.95
C ALA A 29 -18.35 -10.23 -6.45
N ARG A 30 -19.61 -10.19 -6.85
CA ARG A 30 -19.95 -10.07 -8.25
C ARG A 30 -21.12 -9.10 -8.36
N GLU A 31 -20.94 -8.09 -9.21
CA GLU A 31 -21.99 -7.12 -9.43
C GLU A 31 -23.03 -7.91 -10.23
N LYS A 32 -24.26 -7.88 -9.76
CA LYS A 32 -25.36 -8.61 -10.37
C LYS A 32 -25.70 -8.32 -11.83
N GLN A 33 -25.70 -7.08 -12.26
CA GLN A 33 -26.06 -6.88 -13.65
C GLN A 33 -25.00 -7.29 -14.68
N SER A 34 -23.74 -6.93 -14.45
CA SER A 34 -22.71 -7.27 -15.42
C SER A 34 -21.91 -8.55 -15.12
N LYS A 35 -22.09 -9.06 -13.89
CA LYS A 35 -21.40 -10.25 -13.37
C LYS A 35 -19.88 -10.02 -13.24
N PHE A 36 -19.51 -8.74 -13.14
CA PHE A 36 -18.12 -8.36 -12.96
C PHE A 36 -17.69 -8.81 -11.56
N ILE A 37 -16.57 -9.55 -11.51
CA ILE A 37 -16.03 -10.04 -10.27
C ILE A 37 -15.12 -8.97 -9.65
N LEU A 38 -15.27 -8.73 -8.36
CA LEU A 38 -14.45 -7.74 -7.66
C LEU A 38 -14.31 -8.12 -6.19
N ALA A 39 -13.78 -7.22 -5.36
CA ALA A 39 -13.61 -7.53 -3.93
C ALA A 39 -14.35 -6.50 -3.09
N LEU A 40 -15.02 -6.93 -2.04
CA LEU A 40 -15.78 -6.01 -1.19
C LEU A 40 -15.14 -5.90 0.20
N LYS A 41 -14.56 -4.73 0.48
CA LYS A 41 -13.94 -4.51 1.78
C LYS A 41 -14.96 -3.91 2.74
N VAL A 42 -15.24 -4.60 3.83
CA VAL A 42 -16.23 -4.12 4.80
C VAL A 42 -15.57 -3.49 6.03
N LEU A 43 -16.15 -2.42 6.55
CA LEU A 43 -15.61 -1.78 7.73
C LEU A 43 -16.78 -1.53 8.67
N PHE A 44 -16.71 -2.02 9.89
CA PHE A 44 -17.80 -1.78 10.81
C PHE A 44 -17.61 -0.39 11.39
N LYS A 45 -18.64 0.45 11.23
CA LYS A 45 -18.61 1.84 11.71
C LYS A 45 -18.35 2.05 13.20
N ALA A 46 -18.90 1.16 14.04
CA ALA A 46 -18.73 1.29 15.49
C ALA A 46 -17.27 1.07 15.86
N GLN A 47 -16.61 0.16 15.15
CA GLN A 47 -15.20 -0.13 15.38
C GLN A 47 -14.40 1.09 14.95
N LEU A 48 -14.72 1.63 13.79
CA LEU A 48 -14.02 2.81 13.26
C LEU A 48 -14.16 4.02 14.17
N GLU A 49 -15.33 4.16 14.80
CA GLU A 49 -15.58 5.28 15.67
C GLU A 49 -14.79 5.13 16.97
N LYS A 50 -14.84 3.94 17.56
CA LYS A 50 -14.10 3.70 18.79
C LYS A 50 -12.61 3.91 18.60
N ALA A 51 -12.10 3.57 17.42
CA ALA A 51 -10.68 3.72 17.12
C ALA A 51 -10.28 5.14 16.70
N GLY A 52 -11.26 5.93 16.27
CA GLY A 52 -11.05 7.30 15.83
C GLY A 52 -10.25 7.39 14.54
N VAL A 53 -10.50 6.45 13.64
CA VAL A 53 -9.78 6.40 12.39
C VAL A 53 -10.66 6.77 11.19
N GLU A 54 -11.73 7.51 11.48
CA GLU A 54 -12.67 7.95 10.45
C GLU A 54 -11.99 8.87 9.44
N HIS A 55 -11.13 9.76 9.89
CA HIS A 55 -10.47 10.61 8.93
C HIS A 55 -9.49 9.84 8.04
N GLN A 56 -8.87 8.78 8.55
CA GLN A 56 -7.95 8.01 7.71
C GLN A 56 -8.71 7.18 6.67
N LEU A 57 -9.94 6.79 6.97
CA LEU A 57 -10.74 6.02 6.01
C LEU A 57 -11.05 6.90 4.81
N ARG A 58 -11.36 8.16 5.09
CA ARG A 58 -11.67 9.12 4.07
C ARG A 58 -10.47 9.36 3.15
N ARG A 59 -9.27 9.42 3.73
CA ARG A 59 -8.07 9.61 2.94
C ARG A 59 -7.79 8.37 2.09
N GLU A 60 -8.06 7.18 2.63
CA GLU A 60 -7.85 5.92 1.89
C GLU A 60 -8.72 5.94 0.63
N VAL A 61 -10.01 6.23 0.84
CA VAL A 61 -10.94 6.26 -0.25
C VAL A 61 -10.68 7.35 -1.28
N GLU A 62 -10.57 8.59 -0.83
CA GLU A 62 -10.32 9.69 -1.77
C GLU A 62 -9.01 9.54 -2.55
N ILE A 63 -7.94 9.13 -1.87
CA ILE A 63 -6.66 8.96 -2.56
C ILE A 63 -6.64 7.76 -3.49
N GLN A 64 -7.06 6.59 -2.99
CA GLN A 64 -7.02 5.41 -3.85
C GLN A 64 -7.99 5.47 -5.03
N SER A 65 -9.16 6.07 -4.82
CA SER A 65 -10.14 6.13 -5.92
C SER A 65 -9.68 6.97 -7.09
N HIS A 66 -8.80 7.95 -6.86
CA HIS A 66 -8.33 8.81 -7.93
C HIS A 66 -6.99 8.38 -8.55
N LEU A 67 -6.45 7.26 -8.08
CA LEU A 67 -5.18 6.76 -8.57
C LEU A 67 -5.49 5.78 -9.69
N ARG A 68 -4.66 5.75 -10.73
CA ARG A 68 -4.86 4.84 -11.85
C ARG A 68 -3.51 4.36 -12.32
N HIS A 69 -3.22 3.09 -12.09
CA HIS A 69 -1.94 2.56 -12.48
C HIS A 69 -2.09 1.05 -12.45
N PRO A 70 -1.34 0.35 -13.31
CA PRO A 70 -1.28 -1.12 -13.49
C PRO A 70 -0.85 -1.91 -12.26
N ASN A 71 -0.06 -1.29 -11.40
CA ASN A 71 0.43 -1.96 -10.21
C ASN A 71 -0.14 -1.43 -8.92
N ILE A 72 -1.24 -0.70 -9.04
CA ILE A 72 -1.92 -0.19 -7.85
C ILE A 72 -3.35 -0.72 -7.93
N LEU A 73 -3.81 -1.32 -6.85
CA LEU A 73 -5.15 -1.86 -6.80
C LEU A 73 -6.16 -0.73 -7.01
N ARG A 74 -7.12 -1.00 -7.91
CA ARG A 74 -8.16 -0.07 -8.24
C ARG A 74 -9.29 0.02 -7.18
N LEU A 75 -9.70 1.25 -6.89
CA LEU A 75 -10.82 1.52 -5.99
C LEU A 75 -11.89 2.08 -6.95
N TYR A 76 -12.90 1.28 -7.22
CA TYR A 76 -13.96 1.65 -8.13
C TYR A 76 -14.94 2.61 -7.47
N GLY A 77 -15.28 2.35 -6.22
CA GLY A 77 -16.20 3.25 -5.56
C GLY A 77 -16.49 2.81 -4.15
N TYR A 78 -17.38 3.51 -3.49
CA TYR A 78 -17.69 3.15 -2.13
C TYR A 78 -19.14 3.50 -1.78
N PHE A 79 -19.63 2.90 -0.70
CA PHE A 79 -20.98 3.15 -0.22
C PHE A 79 -21.06 2.70 1.24
N HIS A 80 -21.90 3.33 2.02
CA HIS A 80 -22.03 2.94 3.41
C HIS A 80 -23.48 2.70 3.75
N ASP A 81 -23.72 2.02 4.87
CA ASP A 81 -25.10 1.81 5.26
C ASP A 81 -25.21 2.14 6.75
N ALA A 82 -26.23 1.62 7.39
CA ALA A 82 -26.44 1.91 8.80
C ALA A 82 -25.32 1.46 9.75
N THR A 83 -24.76 0.27 9.53
CA THR A 83 -23.71 -0.22 10.41
C THR A 83 -22.31 -0.31 9.82
N ARG A 84 -22.20 -0.32 8.49
CA ARG A 84 -20.85 -0.39 7.92
C ARG A 84 -20.56 0.40 6.66
N VAL A 85 -19.29 0.43 6.27
CA VAL A 85 -18.84 1.12 5.07
C VAL A 85 -18.22 0.07 4.13
N TYR A 86 -18.48 0.23 2.84
CA TYR A 86 -17.98 -0.71 1.84
C TYR A 86 -17.15 -0.10 0.72
N LEU A 87 -15.99 -0.70 0.49
CA LEU A 87 -15.13 -0.26 -0.58
C LEU A 87 -15.17 -1.31 -1.69
N ILE A 88 -15.44 -0.87 -2.91
CA ILE A 88 -15.53 -1.73 -4.07
C ILE A 88 -14.12 -1.72 -4.67
N LEU A 89 -13.41 -2.80 -4.45
CA LEU A 89 -12.04 -2.91 -4.90
C LEU A 89 -11.89 -3.86 -6.07
N GLU A 90 -10.79 -3.71 -6.80
CA GLU A 90 -10.46 -4.59 -7.89
C GLU A 90 -9.99 -5.90 -7.23
N TYR A 91 -10.48 -7.03 -7.74
CA TYR A 91 -10.14 -8.34 -7.19
C TYR A 91 -8.73 -8.76 -7.57
N ALA A 92 -7.95 -9.18 -6.58
CA ALA A 92 -6.58 -9.66 -6.80
C ALA A 92 -6.68 -11.18 -6.68
N PRO A 93 -6.71 -11.88 -7.82
CA PRO A 93 -6.83 -13.34 -7.96
C PRO A 93 -5.80 -14.25 -7.27
N LEU A 94 -4.53 -13.84 -7.17
CA LEU A 94 -3.49 -14.69 -6.58
C LEU A 94 -3.11 -14.44 -5.12
N GLY A 95 -3.93 -13.70 -4.39
CA GLY A 95 -3.64 -13.45 -2.99
C GLY A 95 -2.52 -12.48 -2.68
N THR A 96 -2.00 -12.56 -1.46
CA THR A 96 -0.95 -11.65 -1.00
C THR A 96 0.46 -12.18 -1.11
N VAL A 97 1.39 -11.25 -1.32
CA VAL A 97 2.79 -11.59 -1.39
C VAL A 97 3.16 -12.20 -0.03
N TYR A 98 2.46 -11.78 1.01
CA TYR A 98 2.66 -12.28 2.36
C TYR A 98 2.48 -13.80 2.41
N ARG A 99 1.41 -14.28 1.78
CA ARG A 99 1.15 -15.69 1.78
C ARG A 99 2.18 -16.47 0.96
N GLU A 100 2.59 -15.89 -0.16
CA GLU A 100 3.59 -16.49 -1.04
C GLU A 100 4.93 -16.55 -0.28
N LEU A 101 5.16 -15.57 0.58
CA LEU A 101 6.39 -15.53 1.35
C LEU A 101 6.36 -16.59 2.46
N GLN A 102 5.20 -16.87 3.06
CA GLN A 102 5.15 -17.94 4.07
C GLN A 102 5.45 -19.29 3.39
N LYS A 103 4.88 -19.48 2.19
CA LYS A 103 5.04 -20.72 1.43
C LYS A 103 6.47 -20.96 0.95
N LEU A 104 7.06 -19.99 0.27
CA LEU A 104 8.43 -20.16 -0.21
C LEU A 104 9.48 -19.88 0.88
N SER A 105 9.08 -19.24 1.98
CA SER A 105 9.98 -18.86 3.08
C SER A 105 10.94 -17.71 2.68
N LYS A 106 11.52 -17.81 1.49
CA LYS A 106 12.42 -16.78 0.93
C LYS A 106 12.11 -16.64 -0.54
N PHE A 107 12.45 -15.51 -1.15
CA PHE A 107 12.25 -15.30 -2.58
C PHE A 107 13.66 -15.24 -3.17
N ASP A 108 13.88 -15.81 -4.35
CA ASP A 108 15.22 -15.74 -4.94
C ASP A 108 15.42 -14.31 -5.49
N GLU A 109 16.57 -14.03 -6.08
CA GLU A 109 16.82 -12.67 -6.57
C GLU A 109 15.93 -12.19 -7.72
N GLN A 110 15.66 -13.06 -8.69
CA GLN A 110 14.83 -12.71 -9.83
C GLN A 110 13.44 -12.25 -9.34
N ARG A 111 12.79 -13.08 -8.51
CA ARG A 111 11.47 -12.79 -7.94
C ARG A 111 11.43 -11.50 -7.10
N THR A 112 12.48 -11.29 -6.32
CA THR A 112 12.58 -10.14 -5.46
C THR A 112 12.76 -8.86 -6.29
N ALA A 113 13.63 -8.89 -7.30
CA ALA A 113 13.85 -7.71 -8.14
C ALA A 113 12.62 -7.39 -9.00
N THR A 114 11.92 -8.43 -9.45
CA THR A 114 10.75 -8.21 -10.25
C THR A 114 9.72 -7.45 -9.42
N TYR A 115 9.45 -7.93 -8.21
CA TYR A 115 8.51 -7.28 -7.29
C TYR A 115 8.95 -5.85 -6.91
N ILE A 116 10.23 -5.68 -6.59
CA ILE A 116 10.71 -4.37 -6.23
C ILE A 116 10.48 -3.41 -7.40
N THR A 117 10.75 -3.87 -8.60
CA THR A 117 10.54 -3.08 -9.82
C THR A 117 9.08 -2.65 -10.02
N GLU A 118 8.14 -3.56 -9.80
CA GLU A 118 6.74 -3.23 -9.99
C GLU A 118 6.34 -2.22 -8.91
N LEU A 119 6.74 -2.49 -7.68
CA LEU A 119 6.43 -1.62 -6.58
C LEU A 119 7.11 -0.25 -6.77
N ALA A 120 8.36 -0.23 -7.21
CA ALA A 120 9.08 1.03 -7.39
C ALA A 120 8.41 1.90 -8.45
N ASN A 121 7.89 1.26 -9.50
CA ASN A 121 7.19 1.96 -10.56
C ASN A 121 5.88 2.52 -10.01
N ALA A 122 5.23 1.71 -9.18
CA ALA A 122 3.97 2.09 -8.58
C ALA A 122 4.13 3.30 -7.67
N LEU A 123 5.15 3.24 -6.79
CA LEU A 123 5.45 4.31 -5.85
C LEU A 123 5.88 5.59 -6.60
N SER A 124 6.60 5.44 -7.71
CA SER A 124 7.04 6.59 -8.48
C SER A 124 5.83 7.38 -9.02
N TYR A 125 4.82 6.66 -9.49
CA TYR A 125 3.61 7.26 -10.01
C TYR A 125 2.90 7.98 -8.84
N CYS A 126 2.90 7.34 -7.68
CA CYS A 126 2.30 7.87 -6.46
C CYS A 126 2.90 9.19 -6.02
N HIS A 127 4.23 9.23 -6.06
CA HIS A 127 4.95 10.41 -5.65
C HIS A 127 4.79 11.54 -6.64
N SER A 128 4.65 11.17 -7.91
CA SER A 128 4.46 12.17 -8.95
C SER A 128 3.11 12.84 -8.63
N LYS A 129 2.27 12.15 -7.86
CA LYS A 129 1.00 12.73 -7.47
C LYS A 129 1.11 13.25 -6.04
N ARG A 130 2.31 13.17 -5.47
CA ARG A 130 2.57 13.65 -4.11
C ARG A 130 1.82 12.88 -3.04
N VAL A 131 1.61 11.59 -3.27
CA VAL A 131 0.94 10.76 -2.29
C VAL A 131 1.99 9.89 -1.62
N ILE A 132 1.93 9.76 -0.29
CA ILE A 132 2.86 8.89 0.39
C ILE A 132 2.00 7.75 0.92
N HIS A 133 2.33 6.52 0.52
CA HIS A 133 1.59 5.33 0.94
C HIS A 133 1.68 5.13 2.45
N ARG A 134 2.91 4.95 2.94
CA ARG A 134 3.22 4.75 4.35
C ARG A 134 2.88 3.40 5.01
N ASP A 135 2.34 2.43 4.26
CA ASP A 135 2.05 1.13 4.85
C ASP A 135 2.37 0.00 3.89
N ILE A 136 3.56 0.08 3.33
CA ILE A 136 4.06 -0.90 2.41
C ILE A 136 4.58 -2.06 3.25
N LYS A 137 4.05 -3.25 3.00
CA LYS A 137 4.45 -4.46 3.70
C LYS A 137 3.79 -5.64 2.98
N PRO A 138 4.35 -6.86 3.15
CA PRO A 138 3.80 -8.06 2.49
C PRO A 138 2.29 -8.26 2.48
N GLU A 139 1.63 -8.00 3.61
CA GLU A 139 0.17 -8.16 3.72
C GLU A 139 -0.62 -7.12 2.89
N ASN A 140 0.06 -6.07 2.42
CA ASN A 140 -0.61 -5.04 1.63
C ASN A 140 -0.21 -5.08 0.17
N LEU A 141 0.46 -6.17 -0.21
CA LEU A 141 0.91 -6.35 -1.58
C LEU A 141 0.18 -7.56 -2.14
N LEU A 142 -0.59 -7.35 -3.20
CA LEU A 142 -1.33 -8.43 -3.77
C LEU A 142 -0.83 -8.84 -5.14
N LEU A 143 -1.27 -9.99 -5.63
CA LEU A 143 -0.82 -10.49 -6.92
C LEU A 143 -1.98 -10.53 -7.90
N GLY A 144 -1.75 -9.97 -9.09
CA GLY A 144 -2.78 -9.95 -10.11
C GLY A 144 -2.83 -11.25 -10.88
N SER A 145 -3.65 -11.25 -11.92
CA SER A 145 -3.86 -12.41 -12.78
C SER A 145 -2.58 -13.04 -13.36
N ALA A 146 -1.55 -12.24 -13.55
CA ALA A 146 -0.29 -12.74 -14.11
C ALA A 146 0.83 -12.73 -13.09
N GLY A 147 0.49 -12.76 -11.80
CA GLY A 147 1.53 -12.74 -10.79
C GLY A 147 2.20 -11.38 -10.62
N GLU A 148 1.57 -10.32 -11.15
CA GLU A 148 2.13 -8.97 -11.02
C GLU A 148 1.69 -8.34 -9.71
N LEU A 149 2.63 -7.65 -9.06
CA LEU A 149 2.36 -7.01 -7.79
C LEU A 149 1.40 -5.82 -7.92
N LYS A 150 0.50 -5.68 -6.96
CA LYS A 150 -0.45 -4.56 -6.91
C LYS A 150 -0.42 -4.00 -5.51
N ILE A 151 -0.14 -2.71 -5.39
CA ILE A 151 -0.11 -2.07 -4.07
C ILE A 151 -1.55 -1.90 -3.65
N ALA A 152 -1.84 -2.13 -2.39
CA ALA A 152 -3.21 -1.96 -1.92
C ALA A 152 -3.14 -1.29 -0.56
N ASP A 153 -4.29 -1.20 0.11
CA ASP A 153 -4.42 -0.63 1.44
C ASP A 153 -3.80 0.78 1.60
N PHE A 154 -4.53 1.80 1.17
CA PHE A 154 -4.07 3.17 1.31
C PHE A 154 -4.56 3.76 2.64
N GLY A 155 -4.82 2.88 3.60
CA GLY A 155 -5.28 3.31 4.92
C GLY A 155 -4.46 4.40 5.61
N TRP A 156 -3.14 4.29 5.57
CA TRP A 156 -2.28 5.28 6.19
C TRP A 156 -1.66 6.27 5.20
N SER A 157 -2.23 6.34 4.02
CA SER A 157 -1.72 7.23 3.01
C SER A 157 -2.07 8.69 3.24
N VAL A 158 -1.38 9.57 2.53
CA VAL A 158 -1.66 10.97 2.66
C VAL A 158 -1.26 11.73 1.41
N HIS A 159 -1.97 12.82 1.15
CA HIS A 159 -1.64 13.64 0.01
C HIS A 159 -0.79 14.78 0.58
N ALA A 160 0.51 14.74 0.30
CA ALA A 160 1.44 15.75 0.81
C ALA A 160 2.04 16.66 -0.30
N PRO A 161 1.22 17.59 -0.85
CA PRO A 161 1.61 18.53 -1.92
C PRO A 161 2.81 19.40 -1.58
N SER A 162 2.76 20.02 -0.40
CA SER A 162 3.84 20.91 0.06
C SER A 162 4.62 20.52 1.32
N SER A 163 3.93 20.54 2.45
CA SER A 163 4.49 20.28 3.78
C SER A 163 4.91 18.88 4.14
N ARG A 164 5.72 18.78 5.19
CA ARG A 164 6.18 17.52 5.71
C ARG A 164 5.10 16.99 6.71
N ARG A 165 5.25 15.77 7.20
CA ARG A 165 4.25 15.23 8.12
C ARG A 165 4.83 14.82 9.47
N LEU A 168 3.14 9.32 13.28
CA LEU A 168 3.69 7.98 13.29
C LEU A 168 2.62 6.98 12.87
N CYS A 169 2.83 6.27 11.78
CA CYS A 169 1.82 5.29 11.32
C CYS A 169 2.52 4.19 10.51
N GLY A 170 1.84 3.05 10.33
CA GLY A 170 2.44 1.95 9.59
C GLY A 170 2.57 0.71 10.45
N THR A 171 3.55 -0.11 10.10
CA THR A 171 3.80 -1.36 10.77
C THR A 171 5.10 -1.24 11.51
N LEU A 172 5.13 -1.81 12.71
CA LEU A 172 6.32 -1.77 13.54
C LEU A 172 7.67 -2.05 12.82
N ASP A 173 7.81 -3.24 12.25
CA ASP A 173 9.07 -3.59 11.57
C ASP A 173 9.42 -2.73 10.36
N TYR A 174 8.45 -1.96 9.85
CA TYR A 174 8.69 -1.12 8.67
C TYR A 174 8.80 0.38 8.94
N LEU A 175 8.61 0.79 10.19
CA LEU A 175 8.67 2.21 10.53
C LEU A 175 10.01 2.86 10.22
N PRO A 176 9.98 4.04 9.60
CA PRO A 176 11.22 4.76 9.27
C PRO A 176 11.77 5.44 10.55
N PRO A 177 13.11 5.61 10.66
CA PRO A 177 13.75 6.24 11.84
C PRO A 177 13.17 7.61 12.15
N GLU A 178 12.98 8.42 11.11
CA GLU A 178 12.45 9.76 11.32
C GLU A 178 11.09 9.76 12.01
N MET A 179 10.29 8.70 11.84
CA MET A 179 8.98 8.67 12.51
C MET A 179 9.12 8.32 13.99
N ILE A 180 9.93 7.30 14.25
CA ILE A 180 10.14 6.83 15.60
C ILE A 180 10.70 7.95 16.48
N GLU A 181 11.68 8.66 15.94
CA GLU A 181 12.35 9.73 16.66
C GLU A 181 11.61 11.06 16.80
N GLY A 182 10.34 11.09 16.40
CA GLY A 182 9.56 12.31 16.54
C GLY A 182 9.97 13.47 15.64
N ARG A 183 10.54 13.15 14.49
CA ARG A 183 10.96 14.15 13.52
C ARG A 183 9.89 14.18 12.42
N MET A 184 9.96 15.20 11.58
CA MET A 184 9.04 15.31 10.47
C MET A 184 9.45 14.39 9.35
N HIS A 185 8.51 14.01 8.50
CA HIS A 185 8.85 13.13 7.40
C HIS A 185 8.18 13.54 6.10
N ASP A 186 8.55 12.83 5.03
CA ASP A 186 8.04 13.05 3.67
C ASP A 186 7.98 11.74 2.88
N GLU A 187 7.88 11.83 1.54
CA GLU A 187 7.78 10.63 0.70
C GLU A 187 8.98 9.70 0.79
N LYS A 188 10.05 10.15 1.43
CA LYS A 188 11.22 9.29 1.56
C LYS A 188 11.00 8.10 2.50
N VAL A 189 9.93 8.14 3.30
CA VAL A 189 9.64 7.03 4.20
C VAL A 189 9.29 5.80 3.36
N ASP A 190 8.63 5.97 2.22
CA ASP A 190 8.34 4.80 1.39
C ASP A 190 9.65 4.19 0.85
N LEU A 191 10.72 4.99 0.68
CA LEU A 191 12.00 4.45 0.20
C LEU A 191 12.63 3.59 1.29
N TRP A 192 12.37 3.94 2.54
CA TRP A 192 12.91 3.14 3.60
C TRP A 192 12.13 1.84 3.63
N SER A 193 10.81 1.93 3.56
CA SER A 193 9.97 0.74 3.57
C SER A 193 10.39 -0.28 2.50
N LEU A 194 10.74 0.23 1.33
CA LEU A 194 11.18 -0.59 0.22
C LEU A 194 12.47 -1.35 0.60
N GLY A 195 13.37 -0.69 1.33
CA GLY A 195 14.59 -1.37 1.73
C GLY A 195 14.28 -2.49 2.72
N VAL A 196 13.41 -2.17 3.67
CA VAL A 196 12.98 -3.13 4.67
C VAL A 196 12.33 -4.31 3.95
N LEU A 197 11.44 -3.99 3.01
CA LEU A 197 10.73 -5.00 2.24
C LEU A 197 11.63 -5.88 1.38
N CYS A 198 12.62 -5.29 0.72
CA CYS A 198 13.56 -6.03 -0.13
C CYS A 198 14.35 -7.01 0.70
N TYR A 199 14.77 -6.56 1.87
CA TYR A 199 15.53 -7.40 2.78
C TYR A 199 14.66 -8.61 3.21
N GLU A 200 13.41 -8.35 3.60
CA GLU A 200 12.49 -9.42 4.02
C GLU A 200 12.24 -10.44 2.91
N PHE A 201 12.16 -9.97 1.67
CA PHE A 201 11.92 -10.85 0.54
C PHE A 201 13.04 -11.85 0.37
N LEU A 202 14.27 -11.38 0.57
CA LEU A 202 15.45 -12.20 0.38
C LEU A 202 15.82 -13.05 1.58
N VAL A 203 15.57 -12.51 2.76
CA VAL A 203 15.94 -13.18 3.99
C VAL A 203 14.81 -13.94 4.64
N GLY A 204 13.59 -13.47 4.46
CA GLY A 204 12.48 -14.17 5.05
C GLY A 204 12.04 -13.53 6.36
N LYS A 205 12.69 -12.44 6.75
CA LYS A 205 12.28 -11.74 7.95
C LYS A 205 12.82 -10.34 7.90
N PRO A 206 12.09 -9.36 8.46
CA PRO A 206 12.52 -7.96 8.48
C PRO A 206 13.85 -7.85 9.24
N PRO A 207 14.72 -6.91 8.84
CA PRO A 207 16.03 -6.70 9.47
C PRO A 207 16.10 -6.19 10.91
N PHE A 208 15.03 -5.56 11.39
CA PHE A 208 15.03 -5.02 12.76
C PHE A 208 14.14 -5.79 13.71
N GLU A 209 13.75 -7.00 13.33
CA GLU A 209 12.87 -7.80 14.17
C GLU A 209 13.52 -8.05 15.53
N ALA A 210 12.81 -7.74 16.60
CA ALA A 210 13.30 -7.95 17.96
C ALA A 210 12.18 -8.53 18.82
N ASN A 211 12.52 -9.01 20.01
CA ASN A 211 11.52 -9.60 20.90
C ASN A 211 10.55 -8.61 21.58
N THR A 212 10.83 -7.31 21.51
CA THR A 212 9.96 -6.32 22.13
C THR A 212 9.88 -5.06 21.26
N TYR A 213 8.87 -4.23 21.52
CA TYR A 213 8.68 -2.99 20.78
C TYR A 213 9.86 -2.03 20.97
N GLN A 214 10.28 -1.91 22.21
CA GLN A 214 11.37 -1.04 22.57
C GLN A 214 12.67 -1.46 21.87
N GLU A 215 12.94 -2.76 21.86
CA GLU A 215 14.16 -3.20 21.18
C GLU A 215 14.13 -2.94 19.68
N THR A 216 12.97 -3.08 19.04
CA THR A 216 12.87 -2.84 17.61
C THR A 216 13.10 -1.35 17.31
N TYR A 217 12.49 -0.46 18.10
CA TYR A 217 12.67 1.00 17.95
C TYR A 217 14.14 1.36 18.01
N LYS A 218 14.84 0.72 18.95
CA LYS A 218 16.25 0.93 19.17
C LYS A 218 17.04 0.55 17.93
N ARG A 219 16.78 -0.64 17.40
CA ARG A 219 17.49 -1.12 16.22
C ARG A 219 17.24 -0.32 14.94
N ILE A 220 16.03 0.19 14.77
CA ILE A 220 15.69 0.99 13.61
C ILE A 220 16.42 2.32 13.70
N SER A 221 16.33 2.93 14.88
CA SER A 221 16.95 4.22 15.13
C SER A 221 18.48 4.20 14.86
N ARG A 222 19.10 3.07 15.19
CA ARG A 222 20.54 2.88 15.02
C ARG A 222 20.81 2.32 13.62
N VAL A 223 19.76 1.77 13.01
CA VAL A 223 19.84 1.14 11.70
C VAL A 223 20.82 -0.01 11.91
N GLU A 224 20.44 -0.87 12.86
CA GLU A 224 21.22 -2.02 13.26
C GLU A 224 20.76 -3.34 12.64
N PHE A 225 21.49 -3.82 11.63
CA PHE A 225 21.13 -5.09 11.01
C PHE A 225 22.33 -5.66 10.24
N THR A 226 22.27 -6.93 9.90
CA THR A 226 23.35 -7.56 9.14
C THR A 226 22.69 -8.42 8.10
N PHE A 227 23.47 -8.93 7.15
CA PHE A 227 22.92 -9.77 6.10
C PHE A 227 23.42 -11.19 6.30
N PRO A 228 22.59 -12.19 5.98
CA PRO A 228 23.01 -13.59 6.10
C PRO A 228 24.04 -13.72 4.95
N ASP A 229 24.80 -14.81 4.87
CA ASP A 229 25.79 -14.93 3.80
C ASP A 229 25.28 -15.12 2.37
N PHE A 230 24.04 -15.56 2.18
CA PHE A 230 23.60 -15.74 0.79
C PHE A 230 23.14 -14.49 0.06
N VAL A 231 23.01 -13.37 0.77
CA VAL A 231 22.59 -12.13 0.12
C VAL A 231 23.79 -11.59 -0.66
N THR A 232 23.63 -11.50 -1.98
CA THR A 232 24.71 -11.03 -2.82
C THR A 232 25.08 -9.57 -2.61
N GLU A 233 26.21 -9.19 -3.17
CA GLU A 233 26.76 -7.85 -3.08
C GLU A 233 25.84 -6.74 -3.60
N GLY A 234 25.16 -7.02 -4.71
CA GLY A 234 24.28 -6.04 -5.31
C GLY A 234 23.07 -5.80 -4.45
N ALA A 235 22.50 -6.87 -3.90
CA ALA A 235 21.34 -6.69 -3.05
C ALA A 235 21.75 -5.86 -1.81
N ARG A 236 22.94 -6.11 -1.27
CA ARG A 236 23.43 -5.37 -0.10
C ARG A 236 23.65 -3.90 -0.44
N ASP A 237 24.16 -3.63 -1.64
CA ASP A 237 24.39 -2.24 -1.99
C ASP A 237 23.06 -1.52 -2.06
N LEU A 238 22.03 -2.15 -2.64
CA LEU A 238 20.73 -1.53 -2.76
C LEU A 238 20.02 -1.34 -1.41
N ILE A 239 19.88 -2.40 -0.62
CA ILE A 239 19.20 -2.31 0.66
C ILE A 239 19.94 -1.32 1.58
N SER A 240 21.27 -1.31 1.51
CA SER A 240 22.05 -0.41 2.32
C SER A 240 21.81 1.04 1.95
N ARG A 241 21.54 1.30 0.67
CA ARG A 241 21.27 2.67 0.24
C ARG A 241 19.87 3.09 0.65
N LEU A 242 18.91 2.17 0.56
CA LEU A 242 17.53 2.50 0.93
C LEU A 242 17.40 2.67 2.44
N LEU A 243 18.24 1.97 3.19
CA LEU A 243 18.18 2.00 4.64
C LEU A 243 19.17 2.97 5.31
N LYS A 244 19.20 4.18 4.79
CA LYS A 244 20.03 5.24 5.31
C LYS A 244 19.21 5.96 6.36
N HIS A 245 19.84 6.25 7.51
CA HIS A 245 19.17 6.96 8.59
C HIS A 245 18.71 8.35 8.11
N ASN A 246 19.53 9.00 7.30
CA ASN A 246 19.20 10.33 6.80
C ASN A 246 18.34 10.20 5.54
N PRO A 247 17.07 10.63 5.60
CA PRO A 247 16.11 10.55 4.49
C PRO A 247 16.63 11.15 3.17
N SER A 248 17.39 12.23 3.28
CA SER A 248 17.99 12.90 2.12
C SER A 248 18.96 12.02 1.35
N GLN A 249 19.68 11.16 2.05
CA GLN A 249 20.66 10.28 1.44
C GLN A 249 20.12 9.04 0.77
N ARG A 250 18.84 8.75 0.94
CA ARG A 250 18.26 7.55 0.32
C ARG A 250 18.02 7.88 -1.16
N PRO A 251 18.18 6.86 -2.02
CA PRO A 251 18.00 7.02 -3.49
C PRO A 251 16.59 7.43 -3.90
N MET A 252 16.47 7.98 -5.09
CA MET A 252 15.14 8.34 -5.64
C MET A 252 14.63 7.01 -6.22
N LEU A 253 13.33 6.89 -6.50
CA LEU A 253 12.81 5.65 -7.06
C LEU A 253 13.41 5.39 -8.46
N ARG A 254 13.68 6.47 -9.19
CA ARG A 254 14.27 6.40 -10.53
C ARG A 254 15.66 5.79 -10.47
N GLU A 255 16.33 5.97 -9.35
CA GLU A 255 17.65 5.37 -9.20
C GLU A 255 17.56 3.84 -8.90
N VAL A 256 16.55 3.48 -8.12
CA VAL A 256 16.36 2.11 -7.73
C VAL A 256 16.11 1.34 -8.99
N LEU A 257 15.18 1.86 -9.82
CA LEU A 257 14.84 1.23 -11.09
C LEU A 257 16.04 1.03 -12.05
N GLU A 258 17.08 1.86 -11.88
CA GLU A 258 18.28 1.75 -12.71
C GLU A 258 19.38 1.04 -11.96
N HIS A 259 19.14 0.63 -10.72
CA HIS A 259 20.19 -0.03 -9.96
C HIS A 259 20.66 -1.29 -10.71
N PRO A 260 21.98 -1.49 -10.83
CA PRO A 260 22.58 -2.65 -11.53
C PRO A 260 21.97 -3.99 -11.14
N TRP A 261 21.73 -4.19 -9.85
CA TRP A 261 21.14 -5.43 -9.36
C TRP A 261 19.72 -5.60 -9.85
N ILE A 262 18.95 -4.51 -9.84
CA ILE A 262 17.57 -4.55 -10.30
C ILE A 262 17.50 -4.88 -11.78
N THR A 263 18.24 -4.15 -12.61
CA THR A 263 18.18 -4.42 -14.04
C THR A 263 18.75 -5.80 -14.45
N ALA A 264 19.68 -6.35 -13.68
CA ALA A 264 20.27 -7.67 -13.98
C ALA A 264 19.32 -8.81 -13.60
N ASN A 265 18.45 -8.57 -12.62
CA ASN A 265 17.55 -9.61 -12.16
C ASN A 265 16.07 -9.40 -12.33
N SER A 266 15.70 -8.20 -12.75
CA SER A 266 14.31 -7.87 -12.89
C SER A 266 13.77 -8.34 -14.24
N SER A 267 12.60 -8.79 -14.30
N SER B 7 -19.40 11.33 9.98
CA SER B 7 -19.69 11.66 8.56
C SER B 7 -18.88 10.75 7.59
N TYR B 8 -19.59 10.14 6.64
CA TYR B 8 -18.98 9.25 5.63
C TYR B 8 -19.19 9.75 4.19
N SER B 9 -19.17 11.08 4.04
CA SER B 9 -19.31 11.77 2.75
C SER B 9 -17.91 12.06 2.27
N TYR B 10 -17.46 11.28 1.29
CA TYR B 10 -16.12 11.42 0.75
C TYR B 10 -16.16 11.96 -0.66
N ASP B 11 -15.08 12.63 -1.08
CA ASP B 11 -15.00 13.15 -2.44
C ASP B 11 -14.46 11.99 -3.26
N ALA B 12 -15.30 11.01 -3.52
CA ALA B 12 -14.85 9.87 -4.28
C ALA B 12 -16.10 9.28 -4.94
N PRO B 13 -15.94 8.36 -5.89
CA PRO B 13 -17.10 7.78 -6.58
C PRO B 13 -18.05 6.94 -5.71
N SER B 14 -19.35 7.02 -5.99
CA SER B 14 -20.36 6.24 -5.28
C SER B 14 -21.54 5.92 -6.19
N ASP B 15 -21.39 6.30 -7.45
CA ASP B 15 -22.39 6.09 -8.49
C ASP B 15 -22.28 4.66 -9.07
N PHE B 16 -23.41 4.00 -9.27
CA PHE B 16 -23.44 2.65 -9.85
C PHE B 16 -22.71 2.74 -11.20
N ILE B 17 -21.87 1.75 -11.52
CA ILE B 17 -21.11 1.73 -12.78
C ILE B 17 -21.49 0.49 -13.59
N ASN B 18 -21.56 0.65 -14.91
CA ASN B 18 -21.85 -0.45 -15.85
C ASN B 18 -20.48 -1.05 -16.18
N PHE B 19 -20.11 -2.18 -15.58
CA PHE B 19 -18.78 -2.74 -15.85
C PHE B 19 -18.52 -3.35 -17.23
N SER B 20 -19.51 -3.43 -18.10
CA SER B 20 -19.22 -3.97 -19.42
C SER B 20 -18.93 -2.82 -20.38
N SER B 21 -19.63 -1.70 -20.21
CA SER B 21 -19.41 -0.55 -21.09
C SER B 21 -18.52 0.44 -20.35
N LEU B 22 -18.87 0.73 -19.18
N ASN B 30 -9.76 12.19 -17.25
CA ASN B 30 -8.58 11.47 -16.67
C ASN B 30 -8.44 11.87 -15.18
N ILE B 31 -9.04 11.03 -14.34
CA ILE B 31 -9.14 11.20 -12.91
C ILE B 31 -7.97 11.62 -12.01
N ASP B 32 -6.74 11.24 -12.31
CA ASP B 32 -5.66 11.59 -11.41
C ASP B 32 -5.18 13.03 -11.34
N SER B 33 -5.86 13.91 -12.07
CA SER B 33 -5.51 15.32 -12.04
C SER B 33 -6.05 15.94 -10.76
N TRP B 34 -6.93 15.18 -10.12
CA TRP B 34 -7.58 15.58 -8.87
C TRP B 34 -6.60 16.05 -7.80
N PHE B 35 -5.44 15.38 -7.71
CA PHE B 35 -4.42 15.74 -6.72
C PHE B 35 -3.81 17.11 -6.96
N GLU B 36 -3.29 17.36 -8.16
CA GLU B 36 -2.69 18.67 -8.43
C GLU B 36 -3.75 19.78 -8.44
N GLU B 37 -4.93 19.48 -8.98
CA GLU B 37 -6.00 20.49 -9.04
C GLU B 37 -6.48 20.95 -7.66
N LYS B 38 -6.36 20.05 -6.70
CA LYS B 38 -6.75 20.31 -5.33
C LYS B 38 -5.60 21.01 -4.62
N ALA B 39 -4.38 20.72 -5.04
CA ALA B 39 -3.19 21.35 -4.45
C ALA B 39 -3.09 22.82 -4.88
N ASN B 40 -3.51 23.08 -6.13
CA ASN B 40 -3.42 24.43 -6.67
C ASN B 40 -4.57 25.36 -6.36
N LEU B 41 -5.70 24.83 -5.91
CA LEU B 41 -6.87 25.65 -5.59
C LEU B 41 -6.60 26.70 -4.51
N GLU B 42 -7.26 27.85 -4.57
CA GLU B 42 -7.00 28.94 -3.62
C GLU B 42 -8.07 29.35 -2.60
N ASN B 43 -7.60 29.98 -1.53
CA ASN B 43 -8.44 30.58 -0.47
C ASN B 43 -7.47 30.81 0.68
#